data_5N3U
#
_entry.id   5N3U
#
_cell.length_a   74.600
_cell.length_b   59.825
_cell.length_c   110.634
_cell.angle_alpha   90.00
_cell.angle_beta   99.08
_cell.angle_gamma   90.00
#
_symmetry.space_group_name_H-M   'I 1 2 1'
#
loop_
_entity.id
_entity.type
_entity.pdbx_description
1 polymer 'Phycocyanobilin lyase subunit alpha'
2 polymer 'Phycocyanobilin lyase subunit beta'
3 water water
#
loop_
_entity_poly.entity_id
_entity_poly.type
_entity_poly.pdbx_seq_one_letter_code
_entity_poly.pdbx_strand_id
1 'polypeptide(L)'
;MIEPSVEEFPAENGPQLTPELAIANLQSSDLSLRYYAAWWLGKYRVKESAAVDALIAALEDEADRTELGGYPLRRNAARA
LGKLGNRKAVPGLINCLECPDFYVREAAAQSLEMLKDKTAAPALIKLLDGGVAQAVQVTGRPHLVQPYEAVLEALGAIGA
TDAIPLIQPFLEHPVSRVQCAAARAMYQLTQEPVYGELLVKVLAGNDLNLRRVALGDLGAIGYLAAAEAIANAKAENSFK
LIALKGLLEHQMSAESNALSISDQAIRVMNLMDSLL
;
A
2 'polypeptide(L)'
;MTNELINGVALADTPEKLVKAVQELALAKDVAAIPTLIAVFGYNNPTAAAIASTALVQLGEVAVPQLLTQIDDYNYGARA
YSIRTLAAIADPRALDVLIDAAATDFAPSVRRAAAKGLGNLHWHKLEFPDNQTAPKKALETLLFISQDAEWSIRYAAIVG
LQGLVNIPDLQQPIHTRLKEMLASDAEKAVRARILLAQSQLEHHHHHH
;
B
#
# COMPACT_ATOMS: atom_id res chain seq x y z
N PRO A 4 -5.25 -31.15 3.53
CA PRO A 4 -3.89 -30.56 3.78
C PRO A 4 -3.11 -30.26 2.48
N SER A 5 -3.01 -28.98 2.05
CA SER A 5 -2.40 -28.63 0.74
C SER A 5 -2.03 -27.13 0.53
N VAL A 6 -1.17 -26.88 -0.45
CA VAL A 6 -0.60 -25.59 -0.62
C VAL A 6 -1.34 -24.86 -1.75
N GLU A 7 -1.69 -23.59 -1.55
CA GLU A 7 -2.39 -22.84 -2.55
C GLU A 7 -1.68 -21.51 -2.70
N GLU A 8 -1.41 -21.18 -3.93
CA GLU A 8 -0.83 -19.89 -4.16
C GLU A 8 -1.88 -18.82 -3.89
N PHE A 9 -3.13 -19.03 -4.31
CA PHE A 9 -4.17 -18.05 -4.16
C PHE A 9 -5.30 -18.73 -3.32
N PRO A 10 -5.31 -18.50 -2.04
CA PRO A 10 -6.27 -19.19 -1.21
C PRO A 10 -7.75 -18.85 -1.44
N ALA A 11 -8.62 -19.85 -1.23
CA ALA A 11 -10.10 -19.66 -1.16
C ALA A 11 -10.50 -18.42 -0.26
N GLU A 12 -9.97 -18.39 0.97
CA GLU A 12 -10.15 -17.27 1.98
C GLU A 12 -8.88 -16.41 2.29
N ASN A 13 -9.02 -15.11 2.60
CA ASN A 13 -7.94 -14.35 3.34
C ASN A 13 -8.51 -13.69 4.59
N GLY A 14 -9.68 -14.18 5.02
CA GLY A 14 -10.43 -13.41 6.02
C GLY A 14 -11.86 -13.84 6.18
N PRO A 15 -12.60 -13.20 7.10
CA PRO A 15 -14.04 -13.54 7.23
C PRO A 15 -14.72 -13.50 5.84
N GLN A 16 -15.66 -14.39 5.63
CA GLN A 16 -16.34 -14.45 4.34
C GLN A 16 -17.46 -13.39 4.42
N LEU A 17 -17.42 -12.43 3.52
CA LEU A 17 -18.28 -11.27 3.58
C LEU A 17 -19.12 -11.19 2.36
N THR A 18 -20.19 -10.41 2.52
CA THR A 18 -21.02 -9.96 1.42
C THR A 18 -20.99 -8.42 1.54
N PRO A 19 -21.48 -7.73 0.52
CA PRO A 19 -21.63 -6.27 0.64
C PRO A 19 -22.37 -5.81 1.88
N GLU A 20 -23.49 -6.46 2.18
CA GLU A 20 -24.32 -6.04 3.30
C GLU A 20 -23.57 -6.27 4.54
N LEU A 21 -22.87 -7.39 4.60
CA LEU A 21 -22.16 -7.71 5.84
C LEU A 21 -20.91 -6.84 6.02
N ALA A 22 -20.24 -6.58 4.91
CA ALA A 22 -19.09 -5.64 4.97
C ALA A 22 -19.54 -4.29 5.42
N ILE A 23 -20.66 -3.83 4.85
CA ILE A 23 -21.18 -2.52 5.26
C ILE A 23 -21.50 -2.50 6.68
N ALA A 24 -22.21 -3.54 7.18
CA ALA A 24 -22.47 -3.59 8.65
C ALA A 24 -21.23 -3.59 9.53
N ASN A 25 -20.29 -4.43 9.13
CA ASN A 25 -19.05 -4.54 9.85
C ASN A 25 -18.28 -3.22 9.95
N LEU A 26 -18.56 -2.23 9.12
CA LEU A 26 -17.95 -0.87 9.36
C LEU A 26 -18.24 -0.25 10.73
N GLN A 27 -19.31 -0.73 11.37
CA GLN A 27 -19.78 -0.24 12.66
CA GLN A 27 -19.73 -0.23 12.69
C GLN A 27 -19.60 -1.30 13.78
N SER A 28 -18.80 -2.32 13.54
CA SER A 28 -18.51 -3.33 14.56
C SER A 28 -17.67 -2.75 15.69
N SER A 29 -17.76 -3.35 16.87
CA SER A 29 -16.90 -2.99 18.01
C SER A 29 -15.49 -3.54 17.80
N ASP A 30 -15.33 -4.49 16.87
CA ASP A 30 -14.02 -5.02 16.50
C ASP A 30 -13.42 -4.07 15.44
N LEU A 31 -12.42 -3.35 15.85
CA LEU A 31 -11.80 -2.39 14.95
C LEU A 31 -11.08 -3.06 13.78
N SER A 32 -10.50 -4.24 14.01
CA SER A 32 -9.85 -4.96 12.92
C SER A 32 -10.80 -5.35 11.83
N LEU A 33 -12.00 -5.71 12.23
CA LEU A 33 -13.04 -6.09 11.35
C LEU A 33 -13.54 -4.88 10.56
N ARG A 34 -13.68 -3.73 11.20
CA ARG A 34 -13.98 -2.52 10.42
C ARG A 34 -12.88 -2.28 9.34
N TYR A 35 -11.63 -2.37 9.76
CA TYR A 35 -10.47 -2.12 8.86
C TYR A 35 -10.55 -3.07 7.66
N TYR A 36 -10.78 -4.34 7.93
CA TYR A 36 -10.83 -5.34 6.91
C TYR A 36 -11.99 -5.07 5.98
N ALA A 37 -13.12 -4.72 6.56
CA ALA A 37 -14.30 -4.49 5.74
C ALA A 37 -14.17 -3.34 4.79
N ALA A 38 -13.62 -2.24 5.22
CA ALA A 38 -13.28 -1.14 4.34
C ALA A 38 -12.34 -1.53 3.23
N TRP A 39 -11.26 -2.30 3.51
CA TRP A 39 -10.45 -2.85 2.41
C TRP A 39 -11.26 -3.72 1.46
N TRP A 40 -12.11 -4.61 2.03
CA TRP A 40 -12.89 -5.51 1.20
C TRP A 40 -13.81 -4.78 0.25
N LEU A 41 -14.44 -3.74 0.73
CA LEU A 41 -15.39 -2.99 -0.12
C LEU A 41 -14.71 -2.37 -1.33
N GLY A 42 -13.46 -1.93 -1.15
CA GLY A 42 -12.65 -1.39 -2.29
C GLY A 42 -12.13 -2.44 -3.16
N LYS A 43 -11.66 -3.53 -2.58
CA LYS A 43 -11.11 -4.59 -3.35
C LYS A 43 -12.16 -5.19 -4.30
N TYR A 44 -13.37 -5.41 -3.79
CA TYR A 44 -14.46 -5.98 -4.56
C TYR A 44 -15.28 -4.91 -5.25
N ARG A 45 -14.85 -3.66 -5.17
CA ARG A 45 -15.48 -2.56 -5.98
C ARG A 45 -17.03 -2.57 -5.81
N VAL A 46 -17.46 -2.55 -4.56
CA VAL A 46 -18.84 -2.63 -4.19
C VAL A 46 -19.31 -1.22 -4.24
N LYS A 47 -19.84 -0.86 -5.39
CA LYS A 47 -20.27 0.52 -5.67
C LYS A 47 -21.69 0.92 -5.20
N GLU A 48 -22.48 0.02 -4.64
CA GLU A 48 -23.75 0.37 -3.98
C GLU A 48 -23.69 1.65 -3.19
N SER A 49 -24.74 2.44 -3.28
CA SER A 49 -24.74 3.71 -2.60
C SER A 49 -24.55 3.57 -1.12
N ALA A 50 -25.04 2.52 -0.46
CA ALA A 50 -24.91 2.48 0.98
C ALA A 50 -23.43 2.18 1.35
N ALA A 51 -22.69 1.50 0.47
CA ALA A 51 -21.26 1.26 0.74
C ALA A 51 -20.53 2.60 0.72
N VAL A 52 -20.85 3.42 -0.25
CA VAL A 52 -20.25 4.73 -0.41
C VAL A 52 -20.53 5.56 0.80
N ASP A 53 -21.81 5.68 1.21
CA ASP A 53 -22.15 6.47 2.38
C ASP A 53 -21.47 6.02 3.65
N ALA A 54 -21.45 4.73 3.88
CA ALA A 54 -20.74 4.16 5.04
C ALA A 54 -19.23 4.47 5.06
N LEU A 55 -18.64 4.41 3.88
CA LEU A 55 -17.20 4.75 3.81
C LEU A 55 -16.94 6.22 4.04
N ILE A 56 -17.82 7.08 3.53
CA ILE A 56 -17.75 8.48 3.80
C ILE A 56 -17.81 8.76 5.25
N ALA A 57 -18.73 8.11 5.97
CA ALA A 57 -18.81 8.31 7.40
C ALA A 57 -17.51 7.89 8.12
N ALA A 58 -16.90 6.81 7.64
CA ALA A 58 -15.66 6.30 8.23
C ALA A 58 -14.49 7.23 7.99
N LEU A 59 -14.60 8.18 7.05
CA LEU A 59 -13.62 9.27 6.97
C LEU A 59 -13.53 10.16 8.22
N GLU A 60 -14.55 10.12 9.08
CA GLU A 60 -14.52 10.84 10.33
C GLU A 60 -14.31 9.92 11.55
N ASP A 61 -13.90 8.66 11.34
CA ASP A 61 -13.61 7.77 12.45
C ASP A 61 -12.70 8.35 13.48
N GLU A 62 -13.08 8.15 14.73
CA GLU A 62 -12.19 8.42 15.86
C GLU A 62 -11.81 7.20 16.70
N ALA A 63 -12.46 6.06 16.56
CA ALA A 63 -12.24 4.81 17.39
C ALA A 63 -10.87 4.19 17.19
N ASP A 64 -10.39 4.24 15.95
CA ASP A 64 -9.12 3.50 15.62
C ASP A 64 -7.98 4.49 15.41
N ARG A 65 -6.96 4.39 16.26
CA ARG A 65 -5.77 5.19 16.18
C ARG A 65 -4.53 4.32 16.25
N THR A 66 -3.45 4.76 15.64
CA THR A 66 -2.18 4.04 15.67
C THR A 66 -1.04 5.00 16.01
N GLU A 67 0.19 4.56 15.77
CA GLU A 67 1.41 5.35 15.90
C GLU A 67 1.29 6.74 15.30
N LEU A 68 1.84 7.73 16.02
CA LEU A 68 1.93 9.14 15.59
C LEU A 68 0.58 9.70 15.27
N GLY A 69 -0.42 9.34 16.04
CA GLY A 69 -1.78 9.78 15.82
C GLY A 69 -2.45 9.40 14.50
N GLY A 70 -1.95 8.37 13.84
CA GLY A 70 -2.64 7.81 12.66
C GLY A 70 -4.07 7.34 12.83
N TYR A 71 -4.79 7.27 11.71
CA TYR A 71 -6.15 6.88 11.69
C TYR A 71 -6.33 5.73 10.71
N PRO A 72 -6.08 4.47 11.14
CA PRO A 72 -6.15 3.33 10.19
C PRO A 72 -7.45 3.18 9.40
N LEU A 73 -8.58 3.33 10.02
CA LEU A 73 -9.79 3.13 9.25
C LEU A 73 -9.98 4.30 8.28
N ARG A 74 -9.58 5.51 8.63
CA ARG A 74 -9.73 6.60 7.68
C ARG A 74 -8.87 6.34 6.43
N ARG A 75 -7.68 5.81 6.64
CA ARG A 75 -6.83 5.47 5.51
C ARG A 75 -7.47 4.46 4.57
N ASN A 76 -7.98 3.38 5.10
CA ASN A 76 -8.56 2.36 4.28
C ASN A 76 -9.87 2.78 3.62
N ALA A 77 -10.62 3.58 4.31
CA ALA A 77 -11.88 4.17 3.74
C ALA A 77 -11.58 5.11 2.62
N ALA A 78 -10.64 6.00 2.83
CA ALA A 78 -10.20 6.87 1.77
C ALA A 78 -9.74 6.13 0.51
N ARG A 79 -8.94 5.09 0.68
CA ARG A 79 -8.41 4.29 -0.44
C ARG A 79 -9.55 3.58 -1.13
N ALA A 80 -10.47 3.00 -0.37
CA ALA A 80 -11.63 2.33 -0.95
C ALA A 80 -12.49 3.26 -1.81
N LEU A 81 -12.71 4.48 -1.36
CA LEU A 81 -13.61 5.42 -2.06
C LEU A 81 -13.12 5.78 -3.42
N GLY A 82 -11.80 5.77 -3.59
CA GLY A 82 -11.33 6.08 -4.91
C GLY A 82 -11.64 5.00 -5.93
N LYS A 83 -11.83 3.76 -5.54
CA LYS A 83 -12.04 2.64 -6.44
C LYS A 83 -13.52 2.54 -6.81
N LEU A 84 -14.39 3.27 -6.08
CA LEU A 84 -15.82 3.11 -6.30
C LEU A 84 -16.40 4.06 -7.32
N GLY A 85 -15.66 5.08 -7.78
CA GLY A 85 -16.08 5.96 -8.81
C GLY A 85 -17.24 6.87 -8.45
N ASN A 86 -17.52 7.12 -7.19
CA ASN A 86 -18.67 7.92 -6.82
C ASN A 86 -18.21 9.29 -6.28
N ARG A 87 -18.46 10.35 -7.04
CA ARG A 87 -18.00 11.70 -6.70
C ARG A 87 -18.73 12.34 -5.53
N LYS A 88 -19.77 11.69 -5.04
CA LYS A 88 -20.26 12.08 -3.72
C LYS A 88 -19.22 12.11 -2.65
N ALA A 89 -18.18 11.26 -2.83
CA ALA A 89 -17.07 11.23 -1.88
C ALA A 89 -16.12 12.41 -1.86
N VAL A 90 -16.20 13.27 -2.89
CA VAL A 90 -15.18 14.25 -3.12
C VAL A 90 -15.01 15.19 -1.98
N PRO A 91 -16.12 15.76 -1.43
CA PRO A 91 -15.93 16.68 -0.35
C PRO A 91 -15.27 16.10 0.92
N GLY A 92 -15.67 14.91 1.30
CA GLY A 92 -15.04 14.24 2.42
C GLY A 92 -13.57 13.93 2.17
N LEU A 93 -13.25 13.53 0.93
CA LEU A 93 -11.86 13.29 0.57
C LEU A 93 -11.07 14.56 0.61
N ILE A 94 -11.67 15.65 0.13
CA ILE A 94 -11.07 16.97 0.24
C ILE A 94 -10.73 17.36 1.66
N ASN A 95 -11.64 17.08 2.55
CA ASN A 95 -11.36 17.32 3.95
C ASN A 95 -10.18 16.54 4.50
N CYS A 96 -10.03 15.33 4.02
CA CYS A 96 -8.92 14.46 4.44
C CYS A 96 -7.53 15.00 4.02
N LEU A 97 -7.50 15.84 3.00
CA LEU A 97 -6.28 16.55 2.61
C LEU A 97 -5.75 17.49 3.69
N GLU A 98 -6.49 17.76 4.73
CA GLU A 98 -5.95 18.52 5.86
C GLU A 98 -5.86 17.66 7.09
N CYS A 99 -6.01 16.34 6.96
CA CYS A 99 -5.87 15.45 8.09
C CYS A 99 -4.42 15.49 8.56
N PRO A 100 -4.20 15.48 9.91
CA PRO A 100 -2.84 15.43 10.34
C PRO A 100 -2.08 14.18 10.02
N ASP A 101 -2.76 13.06 9.75
CA ASP A 101 -2.09 11.82 9.44
C ASP A 101 -1.66 11.85 7.94
N PHE A 102 -0.36 11.79 7.71
CA PHE A 102 0.18 11.79 6.36
C PHE A 102 -0.48 10.77 5.45
N TYR A 103 -0.72 9.58 5.99
CA TYR A 103 -1.18 8.45 5.19
C TYR A 103 -2.67 8.62 4.82
N VAL A 104 -3.41 9.37 5.59
CA VAL A 104 -4.78 9.79 5.17
C VAL A 104 -4.71 10.78 4.00
N ARG A 105 -3.87 11.78 4.12
CA ARG A 105 -3.65 12.76 3.05
C ARG A 105 -3.25 12.07 1.77
N GLU A 106 -2.40 11.11 1.89
CA GLU A 106 -1.90 10.35 0.72
C GLU A 106 -3.01 9.55 0.07
N ALA A 107 -3.73 8.81 0.90
CA ALA A 107 -4.84 8.01 0.41
C ALA A 107 -5.89 8.86 -0.26
N ALA A 108 -6.16 10.03 0.31
CA ALA A 108 -7.16 10.94 -0.25
C ALA A 108 -6.75 11.52 -1.57
N ALA A 109 -5.52 11.95 -1.64
CA ALA A 109 -5.00 12.45 -2.90
C ALA A 109 -4.99 11.38 -3.98
N GLN A 110 -4.65 10.14 -3.65
CA GLN A 110 -4.70 9.07 -4.64
C GLN A 110 -6.14 8.83 -5.12
N SER A 111 -7.07 8.84 -4.17
CA SER A 111 -8.47 8.65 -4.58
C SER A 111 -9.03 9.82 -5.37
N LEU A 112 -8.66 11.04 -5.05
CA LEU A 112 -9.05 12.21 -5.83
C LEU A 112 -8.45 12.16 -7.21
N GLU A 113 -7.22 11.65 -7.36
CA GLU A 113 -6.70 11.41 -8.70
C GLU A 113 -7.58 10.39 -9.51
N MET A 114 -8.10 9.36 -8.88
CA MET A 114 -8.90 8.36 -9.51
C MET A 114 -10.26 8.91 -9.86
N LEU A 115 -10.79 9.77 -9.02
CA LEU A 115 -12.16 10.32 -9.28
C LEU A 115 -12.17 11.44 -10.29
N LYS A 116 -11.04 12.11 -10.53
CA LYS A 116 -10.88 13.11 -11.60
C LYS A 116 -11.73 14.35 -11.40
N ASP A 117 -12.13 14.66 -10.20
CA ASP A 117 -13.02 15.83 -9.93
C ASP A 117 -12.22 17.11 -9.64
N LYS A 118 -12.47 18.11 -10.46
CA LYS A 118 -11.74 19.33 -10.43
C LYS A 118 -12.01 20.16 -9.18
N THR A 119 -13.04 19.83 -8.43
CA THR A 119 -13.32 20.57 -7.18
C THR A 119 -12.26 20.41 -6.07
N ALA A 120 -11.42 19.39 -6.24
CA ALA A 120 -10.26 19.21 -5.34
C ALA A 120 -9.04 20.11 -5.59
N ALA A 121 -9.01 20.87 -6.66
CA ALA A 121 -7.80 21.63 -7.01
C ALA A 121 -7.25 22.60 -5.94
N PRO A 122 -8.09 23.43 -5.36
CA PRO A 122 -7.54 24.32 -4.37
C PRO A 122 -6.91 23.58 -3.18
N ALA A 123 -7.55 22.52 -2.70
CA ALA A 123 -7.01 21.85 -1.55
C ALA A 123 -5.70 21.10 -1.91
N LEU A 124 -5.64 20.54 -3.11
CA LEU A 124 -4.40 19.93 -3.63
C LEU A 124 -3.34 20.95 -3.77
N ILE A 125 -3.70 22.11 -4.30
CA ILE A 125 -2.72 23.22 -4.46
C ILE A 125 -2.09 23.71 -3.16
N LYS A 126 -2.88 23.73 -2.13
CA LYS A 126 -2.39 24.12 -0.82
C LYS A 126 -1.32 23.16 -0.32
N LEU A 127 -1.38 21.88 -0.63
CA LEU A 127 -0.33 20.97 -0.18
C LEU A 127 1.00 21.17 -0.90
N LEU A 128 1.01 21.95 -1.94
CA LEU A 128 2.27 22.34 -2.55
C LEU A 128 2.84 23.67 -1.99
N ASP A 129 2.23 24.24 -0.95
CA ASP A 129 2.77 25.46 -0.25
C ASP A 129 4.20 25.32 0.09
N GLY A 130 4.97 26.34 -0.26
CA GLY A 130 6.41 26.36 -0.04
C GLY A 130 7.18 25.80 -1.20
N GLY A 131 6.53 25.13 -2.16
CA GLY A 131 7.23 24.55 -3.31
C GLY A 131 8.25 23.49 -3.04
N VAL A 132 9.25 23.38 -3.92
CA VAL A 132 10.27 22.32 -3.81
C VAL A 132 11.15 22.51 -2.64
N ALA A 133 11.45 23.76 -2.32
CA ALA A 133 12.34 24.03 -1.18
C ALA A 133 11.76 23.47 0.09
N GLN A 134 10.44 23.47 0.25
CA GLN A 134 9.82 22.94 1.49
C GLN A 134 9.47 21.49 1.41
N ALA A 135 9.78 20.84 0.28
CA ALA A 135 9.35 19.46 0.03
C ALA A 135 10.38 18.49 0.54
N VAL A 136 10.57 18.52 1.88
CA VAL A 136 11.65 17.80 2.54
C VAL A 136 11.12 16.58 3.27
N GLN A 137 12.07 15.83 3.80
CA GLN A 137 11.75 14.66 4.58
C GLN A 137 12.09 14.95 6.03
N VAL A 138 11.13 14.76 6.94
CA VAL A 138 11.43 14.91 8.42
C VAL A 138 12.14 13.70 8.96
N THR A 139 13.11 13.93 9.86
CA THR A 139 14.03 12.84 10.23
C THR A 139 13.30 11.65 10.86
N GLY A 140 13.63 10.45 10.44
CA GLY A 140 12.93 9.26 10.97
C GLY A 140 11.58 8.88 10.34
N ARG A 141 11.02 9.76 9.49
CA ARG A 141 9.79 9.48 8.76
C ARG A 141 10.14 8.84 7.43
N PRO A 142 9.45 7.77 7.05
CA PRO A 142 9.69 7.19 5.73
C PRO A 142 8.88 7.81 4.57
N HIS A 143 8.71 9.11 4.59
CA HIS A 143 7.90 9.80 3.64
C HIS A 143 8.32 11.27 3.64
N LEU A 144 7.95 11.99 2.61
CA LEU A 144 8.13 13.43 2.59
C LEU A 144 7.09 14.11 3.38
N VAL A 145 7.22 15.42 3.57
CA VAL A 145 6.29 16.15 4.38
C VAL A 145 4.85 16.15 3.88
N GLN A 146 4.70 16.00 2.54
CA GLN A 146 3.39 15.85 1.93
C GLN A 146 3.48 14.78 0.88
N PRO A 147 2.34 14.17 0.51
CA PRO A 147 2.35 13.12 -0.50
C PRO A 147 2.46 13.76 -1.87
N TYR A 148 3.64 14.26 -2.19
CA TYR A 148 3.79 15.05 -3.43
C TYR A 148 3.49 14.25 -4.66
N GLU A 149 3.92 13.00 -4.70
CA GLU A 149 3.65 12.17 -5.82
C GLU A 149 2.17 12.15 -6.19
N ALA A 150 1.33 11.78 -5.21
CA ALA A 150 -0.12 11.69 -5.43
C ALA A 150 -0.72 13.02 -5.67
N VAL A 151 -0.26 14.06 -5.04
CA VAL A 151 -0.84 15.38 -5.24
C VAL A 151 -0.60 15.88 -6.68
N LEU A 152 0.62 15.72 -7.12
CA LEU A 152 0.97 16.16 -8.49
C LEU A 152 0.17 15.32 -9.51
N GLU A 153 0.14 14.03 -9.35
CA GLU A 153 -0.62 13.17 -10.25
C GLU A 153 -2.06 13.63 -10.22
N ALA A 154 -2.61 13.87 -9.02
CA ALA A 154 -4.01 14.31 -8.97
C ALA A 154 -4.30 15.62 -9.70
N LEU A 155 -3.38 16.58 -9.61
CA LEU A 155 -3.56 17.87 -10.24
C LEU A 155 -3.50 17.73 -11.78
N GLY A 156 -2.66 16.83 -12.25
CA GLY A 156 -2.71 16.49 -13.68
C GLY A 156 -3.98 15.89 -14.16
N ALA A 157 -4.46 14.93 -13.37
CA ALA A 157 -5.66 14.16 -13.71
C ALA A 157 -6.90 14.98 -13.70
N ILE A 158 -6.99 15.98 -12.85
CA ILE A 158 -8.16 16.82 -12.80
C ILE A 158 -8.09 18.02 -13.70
N GLY A 159 -7.02 18.17 -14.48
CA GLY A 159 -6.94 19.26 -15.42
C GLY A 159 -6.74 20.64 -14.79
N ALA A 160 -6.01 20.74 -13.66
CA ALA A 160 -5.80 22.01 -13.01
C ALA A 160 -4.66 22.79 -13.64
N THR A 161 -4.93 23.41 -14.77
CA THR A 161 -3.91 24.16 -15.48
C THR A 161 -3.31 25.37 -14.76
N ASP A 162 -4.08 25.97 -13.88
CA ASP A 162 -3.55 27.05 -13.05
C ASP A 162 -2.39 26.62 -12.19
N ALA A 163 -2.23 25.34 -11.94
CA ALA A 163 -1.17 24.87 -11.07
C ALA A 163 0.13 24.65 -11.76
N ILE A 164 0.17 24.74 -13.09
CA ILE A 164 1.41 24.50 -13.83
C ILE A 164 2.64 25.13 -13.25
N PRO A 165 2.64 26.43 -12.94
CA PRO A 165 3.89 27.07 -12.44
C PRO A 165 4.29 26.52 -11.06
N LEU A 166 3.32 25.96 -10.29
CA LEU A 166 3.64 25.32 -9.02
C LEU A 166 4.17 23.91 -9.19
N ILE A 167 3.73 23.26 -10.26
CA ILE A 167 4.09 21.94 -10.58
C ILE A 167 5.46 21.85 -11.24
N GLN A 168 5.70 22.74 -12.20
CA GLN A 168 6.92 22.66 -13.01
C GLN A 168 8.25 22.56 -12.26
N PRO A 169 8.42 23.31 -11.13
CA PRO A 169 9.60 23.16 -10.32
C PRO A 169 9.88 21.75 -9.76
N PHE A 170 8.81 20.97 -9.54
CA PHE A 170 8.99 19.61 -9.03
C PHE A 170 9.64 18.70 -10.01
N LEU A 171 9.78 19.13 -11.27
CA LEU A 171 10.59 18.28 -12.14
C LEU A 171 12.04 18.15 -11.65
N GLU A 172 12.52 19.10 -10.83
CA GLU A 172 13.90 19.06 -10.22
C GLU A 172 13.92 18.65 -8.76
N HIS A 173 12.80 18.11 -8.28
CA HIS A 173 12.82 17.57 -6.92
C HIS A 173 13.88 16.46 -6.83
N PRO A 174 14.56 16.33 -5.70
CA PRO A 174 15.59 15.29 -5.53
C PRO A 174 15.10 13.83 -5.60
N VAL A 175 13.84 13.58 -5.22
CA VAL A 175 13.21 12.27 -5.30
C VAL A 175 12.67 11.88 -6.66
N SER A 176 13.12 10.74 -7.16
CA SER A 176 12.82 10.31 -8.53
C SER A 176 11.33 10.12 -8.78
N ARG A 177 10.62 9.57 -7.79
CA ARG A 177 9.18 9.41 -7.91
C ARG A 177 8.46 10.66 -8.01
N VAL A 178 8.93 11.69 -7.32
CA VAL A 178 8.30 13.02 -7.41
C VAL A 178 8.52 13.64 -8.81
N GLN A 179 9.73 13.47 -9.33
CA GLN A 179 9.99 14.01 -10.66
C GLN A 179 9.14 13.36 -11.74
N CYS A 180 8.93 12.07 -11.62
CA CYS A 180 8.09 11.32 -12.54
CA CYS A 180 8.08 11.33 -12.57
C CYS A 180 6.65 11.80 -12.51
N ALA A 181 6.12 11.99 -11.28
CA ALA A 181 4.80 12.53 -11.15
C ALA A 181 4.66 13.93 -11.76
N ALA A 182 5.68 14.80 -11.56
CA ALA A 182 5.67 16.14 -12.11
C ALA A 182 5.71 16.06 -13.66
N ALA A 183 6.46 15.10 -14.19
CA ALA A 183 6.47 14.87 -15.68
C ALA A 183 5.16 14.47 -16.21
N ARG A 184 4.51 13.56 -15.49
CA ARG A 184 3.15 13.24 -15.85
C ARG A 184 2.17 14.31 -15.81
N ALA A 185 2.17 15.04 -14.73
CA ALA A 185 1.28 16.16 -14.63
C ALA A 185 1.56 17.25 -15.67
N MET A 186 2.85 17.51 -15.89
CA MET A 186 3.17 18.53 -16.87
C MET A 186 2.66 18.16 -18.27
N TYR A 187 2.87 16.92 -18.65
CA TYR A 187 2.31 16.46 -19.92
C TYR A 187 0.79 16.58 -19.99
N GLN A 188 0.09 16.14 -18.95
CA GLN A 188 -1.33 16.24 -18.99
C GLN A 188 -1.81 17.60 -19.11
N LEU A 189 -1.18 18.55 -18.44
CA LEU A 189 -1.65 19.89 -18.43
C LEU A 189 -1.16 20.76 -19.60
N THR A 190 -0.04 20.44 -20.19
CA THR A 190 0.44 21.18 -21.36
C THR A 190 0.46 20.44 -22.71
N GLN A 191 0.39 19.12 -22.70
CA GLN A 191 0.51 18.26 -23.85
C GLN A 191 1.85 18.38 -24.57
N GLU A 192 2.92 18.81 -23.90
CA GLU A 192 4.24 18.94 -24.55
C GLU A 192 5.01 17.65 -24.53
N PRO A 193 5.40 17.14 -25.72
CA PRO A 193 6.12 15.89 -25.80
C PRO A 193 7.29 15.77 -24.98
N VAL A 194 8.05 16.85 -24.78
CA VAL A 194 9.24 16.72 -23.91
C VAL A 194 8.96 16.05 -22.52
N TYR A 195 7.78 16.27 -22.00
CA TYR A 195 7.41 15.69 -20.67
C TYR A 195 7.07 14.21 -20.83
N GLY A 196 6.42 13.84 -21.93
CA GLY A 196 6.27 12.42 -22.21
C GLY A 196 7.52 11.69 -22.37
N GLU A 197 8.50 12.33 -23.00
CA GLU A 197 9.81 11.70 -23.18
C GLU A 197 10.54 11.45 -21.91
N LEU A 198 10.37 12.30 -20.93
CA LEU A 198 11.03 11.99 -19.66
C LEU A 198 10.47 10.67 -19.06
N LEU A 199 9.17 10.44 -19.23
CA LEU A 199 8.56 9.13 -18.77
C LEU A 199 9.14 7.96 -19.54
N VAL A 200 9.26 8.14 -20.83
CA VAL A 200 9.98 7.09 -21.64
C VAL A 200 11.35 6.77 -21.13
N LYS A 201 12.12 7.81 -20.80
CA LYS A 201 13.44 7.58 -20.27
C LYS A 201 13.49 6.81 -18.91
N VAL A 202 12.53 7.04 -18.04
CA VAL A 202 12.38 6.27 -16.79
C VAL A 202 12.20 4.76 -17.11
N LEU A 203 11.49 4.46 -18.19
CA LEU A 203 11.32 3.06 -18.65
C LEU A 203 12.58 2.37 -18.92
N ALA A 204 13.54 3.10 -19.45
CA ALA A 204 14.87 2.62 -19.72
C ALA A 204 15.76 2.49 -18.49
N GLY A 205 15.29 2.90 -17.31
CA GLY A 205 16.10 3.04 -16.13
C GLY A 205 16.34 1.72 -15.42
N ASN A 206 17.24 1.78 -14.45
CA ASN A 206 17.61 0.64 -13.68
C ASN A 206 16.58 0.25 -12.64
N ASP A 207 15.53 1.04 -12.42
CA ASP A 207 14.63 0.83 -11.29
C ASP A 207 13.24 0.26 -11.72
N LEU A 208 13.03 -1.01 -11.44
CA LEU A 208 11.78 -1.68 -11.75
C LEU A 208 10.50 -1.00 -11.31
N ASN A 209 10.39 -0.63 -10.03
CA ASN A 209 9.21 0.06 -9.53
C ASN A 209 8.92 1.33 -10.27
N LEU A 210 9.96 1.97 -10.71
CA LEU A 210 9.86 3.25 -11.40
C LEU A 210 9.35 2.98 -12.80
N ARG A 211 9.87 1.94 -13.43
CA ARG A 211 9.35 1.49 -14.72
C ARG A 211 7.85 1.23 -14.67
N ARG A 212 7.37 0.64 -13.57
CA ARG A 212 5.96 0.36 -13.44
C ARG A 212 5.16 1.60 -13.35
N VAL A 213 5.64 2.52 -12.57
CA VAL A 213 5.00 3.82 -12.44
C VAL A 213 4.98 4.56 -13.81
N ALA A 214 6.10 4.53 -14.52
CA ALA A 214 6.16 5.20 -15.81
C ALA A 214 5.13 4.59 -16.80
N LEU A 215 5.00 3.25 -16.77
CA LEU A 215 3.98 2.60 -17.54
C LEU A 215 2.61 3.08 -17.25
N GLY A 216 2.21 3.11 -15.98
CA GLY A 216 0.93 3.60 -15.64
C GLY A 216 0.69 5.04 -16.08
N ASP A 217 1.73 5.86 -15.95
CA ASP A 217 1.64 7.28 -16.33
C ASP A 217 1.48 7.44 -17.87
N LEU A 218 2.25 6.67 -18.61
CA LEU A 218 2.17 6.72 -20.07
C LEU A 218 0.83 6.29 -20.57
N GLY A 219 0.27 5.26 -19.92
CA GLY A 219 -1.14 4.93 -20.15
C GLY A 219 -2.15 6.00 -19.84
N ALA A 220 -1.99 6.63 -18.68
CA ALA A 220 -2.89 7.73 -18.26
C ALA A 220 -2.86 8.93 -19.18
N ILE A 221 -1.73 9.21 -19.77
CA ILE A 221 -1.65 10.36 -20.61
C ILE A 221 -1.87 10.01 -22.06
N GLY A 222 -1.73 8.74 -22.42
CA GLY A 222 -2.01 8.26 -23.77
C GLY A 222 -0.95 8.68 -24.78
N TYR A 223 0.32 8.73 -24.38
CA TYR A 223 1.41 9.24 -25.23
C TYR A 223 1.84 8.24 -26.28
N LEU A 224 1.31 8.43 -27.49
CA LEU A 224 1.47 7.44 -28.60
C LEU A 224 2.89 7.06 -28.98
N ALA A 225 3.78 8.04 -29.07
CA ALA A 225 5.14 7.77 -29.38
C ALA A 225 5.84 6.85 -28.49
N ALA A 226 5.33 6.58 -27.29
CA ALA A 226 6.01 5.63 -26.41
C ALA A 226 5.65 4.14 -26.68
N ALA A 227 4.78 3.87 -27.64
CA ALA A 227 4.27 2.46 -27.82
C ALA A 227 5.33 1.36 -27.88
N GLU A 228 6.35 1.49 -28.74
CA GLU A 228 7.35 0.41 -28.81
C GLU A 228 8.26 0.39 -27.63
N ALA A 229 8.54 1.56 -27.03
CA ALA A 229 9.28 1.54 -25.84
C ALA A 229 8.47 0.81 -24.72
N ILE A 230 7.16 1.00 -24.69
CA ILE A 230 6.34 0.31 -23.66
C ILE A 230 6.44 -1.20 -23.89
N ALA A 231 6.23 -1.60 -25.12
CA ALA A 231 6.20 -3.04 -25.46
C ALA A 231 7.52 -3.72 -25.21
N ASN A 232 8.62 -2.99 -25.29
CA ASN A 232 9.95 -3.52 -24.99
C ASN A 232 10.50 -3.30 -23.60
N ALA A 233 9.73 -2.66 -22.75
CA ALA A 233 10.25 -2.30 -21.46
C ALA A 233 10.47 -3.56 -20.59
N LYS A 234 11.34 -3.47 -19.61
CA LYS A 234 11.61 -4.54 -18.68
C LYS A 234 10.61 -4.42 -17.55
N ALA A 235 9.40 -4.90 -17.79
CA ALA A 235 8.38 -4.97 -16.72
C ALA A 235 7.37 -6.01 -17.07
N GLU A 236 6.47 -6.28 -16.16
CA GLU A 236 5.50 -7.35 -16.39
C GLU A 236 4.51 -6.93 -17.48
N ASN A 237 3.99 -7.89 -18.24
CA ASN A 237 3.01 -7.60 -19.28
C ASN A 237 1.81 -6.92 -18.84
N SER A 238 1.31 -7.25 -17.64
CA SER A 238 0.21 -6.55 -17.12
C SER A 238 0.32 -5.05 -17.16
N PHE A 239 1.44 -4.53 -16.72
CA PHE A 239 1.64 -3.07 -16.78
C PHE A 239 1.78 -2.59 -18.24
N LYS A 240 2.46 -3.36 -19.05
CA LYS A 240 2.54 -3.00 -20.47
C LYS A 240 1.20 -2.88 -21.11
N LEU A 241 0.30 -3.83 -20.81
CA LEU A 241 -1.01 -3.80 -21.42
C LEU A 241 -1.84 -2.67 -20.95
N ILE A 242 -1.68 -2.32 -19.69
CA ILE A 242 -2.45 -1.14 -19.20
C ILE A 242 -1.97 0.14 -19.87
N ALA A 243 -0.67 0.26 -20.05
CA ALA A 243 -0.11 1.44 -20.74
C ALA A 243 -0.61 1.50 -22.16
N LEU A 244 -0.53 0.38 -22.87
CA LEU A 244 -1.02 0.31 -24.27
C LEU A 244 -2.46 0.56 -24.39
N LYS A 245 -3.21 0.07 -23.43
CA LYS A 245 -4.61 0.34 -23.45
C LYS A 245 -4.90 1.84 -23.39
N GLY A 246 -4.13 2.57 -22.59
CA GLY A 246 -4.37 4.02 -22.49
C GLY A 246 -3.99 4.69 -23.80
N LEU A 247 -2.94 4.23 -24.40
CA LEU A 247 -2.59 4.76 -25.72
C LEU A 247 -3.71 4.50 -26.74
N LEU A 248 -4.29 3.32 -26.69
CA LEU A 248 -5.31 2.92 -27.59
C LEU A 248 -6.53 3.75 -27.40
N GLU A 249 -6.90 3.95 -26.18
CA GLU A 249 -8.05 4.77 -25.92
C GLU A 249 -7.92 6.23 -26.41
N HIS A 250 -6.73 6.78 -26.38
CA HIS A 250 -6.49 8.13 -26.94
C HIS A 250 -6.63 8.16 -28.47
N GLN A 251 -6.17 7.12 -29.15
CA GLN A 251 -6.32 6.97 -30.59
C GLN A 251 -7.70 6.58 -31.06
N MET A 252 -8.65 6.40 -30.14
CA MET A 252 -10.07 6.26 -30.46
C MET A 252 -10.73 7.59 -30.09
N SER A 260 -14.61 3.48 -35.53
CA SER A 260 -13.75 2.55 -36.27
C SER A 260 -12.17 2.77 -36.22
N ILE A 261 -11.36 2.34 -37.20
CA ILE A 261 -9.95 1.97 -36.87
C ILE A 261 -8.79 2.60 -37.66
N SER A 262 -8.14 3.59 -37.04
CA SER A 262 -6.91 4.16 -37.63
C SER A 262 -5.77 3.18 -37.62
N ASP A 263 -4.77 3.44 -38.42
CA ASP A 263 -3.56 2.63 -38.45
C ASP A 263 -2.72 2.77 -37.18
N GLN A 264 -2.91 3.89 -36.47
CA GLN A 264 -2.24 4.05 -35.17
C GLN A 264 -2.87 3.12 -34.07
N ALA A 265 -4.18 3.02 -34.03
CA ALA A 265 -4.85 2.09 -33.16
C ALA A 265 -4.44 0.66 -33.47
N ILE A 266 -4.43 0.28 -34.74
CA ILE A 266 -4.00 -1.04 -35.12
C ILE A 266 -2.62 -1.29 -34.69
N ARG A 267 -1.75 -0.33 -34.89
CA ARG A 267 -0.36 -0.48 -34.47
C ARG A 267 -0.25 -0.82 -32.95
N VAL A 268 -1.01 -0.11 -32.17
CA VAL A 268 -1.04 -0.33 -30.70
C VAL A 268 -1.63 -1.76 -30.39
N MET A 269 -2.72 -2.14 -31.06
CA MET A 269 -3.36 -3.46 -30.85
C MET A 269 -2.45 -4.58 -31.19
N ASN A 270 -1.65 -4.41 -32.24
CA ASN A 270 -0.71 -5.40 -32.64
C ASN A 270 0.36 -5.61 -31.59
N LEU A 271 0.75 -4.50 -30.95
CA LEU A 271 1.72 -4.64 -29.87
C LEU A 271 1.04 -5.39 -28.64
N MET A 272 -0.18 -5.05 -28.39
CA MET A 272 -0.90 -5.62 -27.23
C MET A 272 -1.02 -7.14 -27.44
N ASP A 273 -1.42 -7.51 -28.67
CA ASP A 273 -1.48 -8.94 -29.09
C ASP A 273 -0.22 -9.68 -28.78
N SER A 274 0.95 -9.07 -28.95
CA SER A 274 2.19 -9.79 -28.74
C SER A 274 2.57 -9.97 -27.25
N LEU A 275 1.88 -9.34 -26.33
CA LEU A 275 2.20 -9.42 -24.90
C LEU A 275 1.24 -10.38 -24.15
N LEU A 276 0.58 -11.23 -24.91
CA LEU A 276 -0.33 -12.27 -24.35
C LEU A 276 0.39 -13.69 -24.51
N ASP B 30 27.16 -1.56 3.20
CA ASP B 30 26.98 -0.21 2.59
C ASP B 30 25.51 0.20 2.35
N VAL B 31 25.19 1.38 2.86
CA VAL B 31 23.89 2.04 2.72
C VAL B 31 23.44 2.38 1.30
N ALA B 32 24.35 2.74 0.42
CA ALA B 32 23.99 2.93 -0.98
C ALA B 32 23.43 1.71 -1.69
N ALA B 33 23.82 0.52 -1.28
CA ALA B 33 23.37 -0.72 -1.90
C ALA B 33 21.91 -1.15 -1.51
N ILE B 34 21.28 -0.48 -0.53
CA ILE B 34 19.96 -0.92 0.02
C ILE B 34 18.96 -1.20 -1.11
N PRO B 35 18.74 -0.23 -1.98
CA PRO B 35 17.74 -0.53 -3.03
C PRO B 35 18.06 -1.78 -3.87
N THR B 36 19.33 -1.99 -4.19
CA THR B 36 19.73 -3.20 -4.91
C THR B 36 19.47 -4.43 -4.10
N LEU B 37 19.77 -4.41 -2.82
CA LEU B 37 19.54 -5.58 -2.00
C LEU B 37 18.02 -5.91 -2.07
N ILE B 38 17.18 -4.88 -1.91
CA ILE B 38 15.72 -5.11 -1.90
C ILE B 38 15.31 -5.70 -3.26
N ALA B 39 15.87 -5.17 -4.34
CA ALA B 39 15.51 -5.61 -5.68
C ALA B 39 15.86 -7.11 -5.89
N VAL B 40 16.85 -7.63 -5.18
CA VAL B 40 17.21 -9.02 -5.27
C VAL B 40 16.01 -9.93 -4.93
N PHE B 41 15.13 -9.50 -4.03
CA PHE B 41 14.01 -10.38 -3.63
C PHE B 41 13.10 -10.72 -4.83
N GLY B 42 13.12 -9.93 -5.86
CA GLY B 42 12.36 -10.15 -7.07
C GLY B 42 12.88 -11.23 -8.01
N TYR B 43 14.04 -11.78 -7.73
CA TYR B 43 14.62 -12.85 -8.53
C TYR B 43 14.52 -14.05 -7.65
N ASN B 44 13.76 -14.99 -8.12
CA ASN B 44 13.22 -15.98 -7.19
C ASN B 44 14.21 -17.06 -6.94
N ASN B 45 15.28 -16.66 -6.28
CA ASN B 45 16.29 -17.52 -5.91
C ASN B 45 16.40 -17.38 -4.40
N PRO B 46 15.91 -18.38 -3.65
CA PRO B 46 15.91 -18.25 -2.22
C PRO B 46 17.25 -18.11 -1.58
N THR B 47 18.24 -18.78 -2.14
CA THR B 47 19.59 -18.59 -1.65
C THR B 47 20.06 -17.11 -1.77
N ALA B 48 20.00 -16.52 -2.95
CA ALA B 48 20.37 -15.14 -3.18
C ALA B 48 19.49 -14.17 -2.33
N ALA B 49 18.19 -14.38 -2.33
CA ALA B 49 17.31 -13.52 -1.54
C ALA B 49 17.69 -13.61 -0.07
N ALA B 50 17.93 -14.81 0.43
CA ALA B 50 18.25 -14.96 1.87
C ALA B 50 19.56 -14.25 2.23
N ILE B 51 20.50 -14.21 1.31
CA ILE B 51 21.71 -13.42 1.52
C ILE B 51 21.42 -11.91 1.52
N ALA B 52 20.60 -11.46 0.58
CA ALA B 52 20.29 -10.03 0.55
C ALA B 52 19.56 -9.62 1.82
N SER B 53 18.68 -10.47 2.27
CA SER B 53 17.90 -10.18 3.47
C SER B 53 18.85 -10.09 4.69
N THR B 54 19.69 -11.12 4.88
CA THR B 54 20.70 -11.07 5.96
C THR B 54 21.51 -9.78 5.96
N ALA B 55 21.98 -9.35 4.80
CA ALA B 55 22.62 -8.12 4.64
C ALA B 55 21.77 -6.94 5.11
N LEU B 56 20.49 -6.94 4.76
CA LEU B 56 19.67 -5.83 5.16
C LEU B 56 19.50 -5.80 6.64
N VAL B 57 19.32 -6.96 7.22
CA VAL B 57 19.08 -7.04 8.63
C VAL B 57 20.32 -6.53 9.36
N GLN B 58 21.50 -6.81 8.84
CA GLN B 58 22.74 -6.40 9.56
C GLN B 58 22.81 -4.91 9.50
N LEU B 59 22.45 -4.32 8.40
CA LEU B 59 22.36 -2.88 8.36
C LEU B 59 21.37 -2.31 9.36
N GLY B 60 20.24 -2.96 9.57
CA GLY B 60 19.32 -2.61 10.65
C GLY B 60 18.45 -1.39 10.40
N GLU B 61 18.26 -0.56 11.43
CA GLU B 61 17.36 0.63 11.35
C GLU B 61 17.49 1.49 10.14
N VAL B 62 18.73 1.75 9.71
CA VAL B 62 18.92 2.66 8.63
C VAL B 62 18.19 2.21 7.28
N ALA B 63 18.10 0.90 7.09
CA ALA B 63 17.40 0.34 5.91
C ALA B 63 15.86 0.37 6.03
N VAL B 64 15.31 0.55 7.24
CA VAL B 64 13.87 0.43 7.42
C VAL B 64 13.04 1.35 6.51
N PRO B 65 13.37 2.66 6.36
CA PRO B 65 12.58 3.50 5.50
C PRO B 65 12.45 3.02 4.05
N GLN B 66 13.56 2.59 3.47
CA GLN B 66 13.50 2.05 2.11
C GLN B 66 12.81 0.69 2.05
N LEU B 67 13.09 -0.17 3.01
CA LEU B 67 12.27 -1.40 3.06
C LEU B 67 10.77 -1.09 3.10
N LEU B 68 10.32 -0.12 3.91
CA LEU B 68 8.89 0.20 3.97
C LEU B 68 8.28 0.78 2.71
N THR B 69 9.03 1.47 1.89
CA THR B 69 8.52 2.16 0.74
C THR B 69 8.93 1.51 -0.57
N GLN B 70 9.65 0.39 -0.54
CA GLN B 70 10.01 -0.35 -1.78
C GLN B 70 9.52 -1.78 -1.66
N ILE B 71 8.26 -1.94 -1.26
CA ILE B 71 7.65 -3.24 -1.14
C ILE B 71 7.08 -3.58 -2.53
N ASP B 72 7.37 -4.80 -3.00
CA ASP B 72 6.88 -5.24 -4.31
C ASP B 72 5.43 -5.77 -4.11
N ASP B 73 4.49 -4.92 -4.47
CA ASP B 73 3.04 -5.27 -4.41
C ASP B 73 2.59 -6.13 -5.53
N TYR B 74 3.49 -6.54 -6.41
CA TYR B 74 3.12 -7.39 -7.53
C TYR B 74 3.86 -8.68 -7.63
N ASN B 75 4.60 -9.02 -6.58
CA ASN B 75 5.32 -10.26 -6.52
C ASN B 75 5.31 -10.72 -5.10
N TYR B 76 4.44 -11.68 -4.76
CA TYR B 76 4.29 -12.12 -3.41
C TYR B 76 5.59 -12.78 -2.89
N GLY B 77 6.35 -13.39 -3.78
CA GLY B 77 7.61 -14.09 -3.36
C GLY B 77 8.55 -13.04 -2.80
N ALA B 78 8.65 -11.95 -3.54
CA ALA B 78 9.55 -10.84 -3.09
C ALA B 78 9.06 -10.16 -1.87
N ARG B 79 7.73 -9.97 -1.81
CA ARG B 79 7.10 -9.27 -0.72
C ARG B 79 7.31 -9.97 0.60
N ALA B 80 7.31 -11.30 0.59
CA ALA B 80 7.45 -12.07 1.74
C ALA B 80 8.83 -11.80 2.36
N TYR B 81 9.84 -11.64 1.52
CA TYR B 81 11.20 -11.32 1.96
C TYR B 81 11.26 -9.94 2.54
N SER B 82 10.60 -8.96 1.97
CA SER B 82 10.55 -7.63 2.57
C SER B 82 9.98 -7.70 3.97
N ILE B 83 8.86 -8.38 4.10
CA ILE B 83 8.19 -8.48 5.36
C ILE B 83 9.03 -9.24 6.38
N ARG B 84 9.65 -10.34 5.94
CA ARG B 84 10.52 -11.09 6.82
C ARG B 84 11.73 -10.25 7.35
N THR B 85 12.28 -9.45 6.48
CA THR B 85 13.39 -8.63 6.77
C THR B 85 13.00 -7.54 7.73
N LEU B 86 11.89 -6.87 7.48
CA LEU B 86 11.36 -5.94 8.48
C LEU B 86 11.06 -6.56 9.80
N ALA B 87 10.50 -7.76 9.82
CA ALA B 87 10.20 -8.44 11.04
C ALA B 87 11.53 -8.73 11.80
N ALA B 88 12.55 -9.18 11.10
CA ALA B 88 13.86 -9.51 11.76
C ALA B 88 14.58 -8.26 12.28
N ILE B 89 14.49 -7.15 11.57
CA ILE B 89 15.04 -5.88 12.03
C ILE B 89 14.27 -5.42 13.27
N ALA B 90 12.95 -5.62 13.29
CA ALA B 90 12.09 -5.39 14.43
C ALA B 90 11.94 -3.90 14.86
N ASP B 91 12.19 -2.99 13.94
CA ASP B 91 11.95 -1.58 14.17
C ASP B 91 10.43 -1.40 14.16
N PRO B 92 9.86 -0.83 15.24
CA PRO B 92 8.41 -0.70 15.37
C PRO B 92 7.78 0.28 14.40
N ARG B 93 8.57 1.03 13.64
CA ARG B 93 7.99 1.83 12.57
C ARG B 93 7.34 0.97 11.46
N ALA B 94 7.64 -0.31 11.43
CA ALA B 94 7.07 -1.25 10.48
C ALA B 94 5.70 -1.77 10.90
N LEU B 95 5.18 -1.35 12.05
CA LEU B 95 3.88 -1.84 12.52
C LEU B 95 2.75 -1.81 11.43
N ASP B 96 2.51 -0.65 10.86
CA ASP B 96 1.34 -0.53 9.93
C ASP B 96 1.50 -1.37 8.67
N VAL B 97 2.71 -1.44 8.11
CA VAL B 97 2.95 -2.37 7.02
C VAL B 97 2.69 -3.80 7.43
N LEU B 98 3.18 -4.22 8.58
CA LEU B 98 2.97 -5.55 9.01
C LEU B 98 1.52 -5.89 9.27
N ILE B 99 0.81 -4.93 9.80
CA ILE B 99 -0.66 -5.13 10.00
C ILE B 99 -1.41 -5.32 8.71
N ASP B 100 -1.05 -4.52 7.72
CA ASP B 100 -1.64 -4.68 6.44
C ASP B 100 -1.38 -5.98 5.80
N ALA B 101 -0.14 -6.42 5.86
CA ALA B 101 0.26 -7.67 5.35
C ALA B 101 -0.39 -8.82 6.04
N ALA B 102 -0.43 -8.81 7.34
CA ALA B 102 -1.10 -9.86 8.06
C ALA B 102 -2.59 -9.94 7.82
N ALA B 103 -3.25 -8.80 7.78
CA ALA B 103 -4.71 -8.72 7.69
C ALA B 103 -5.30 -8.79 6.29
N THR B 104 -4.63 -8.23 5.26
CA THR B 104 -5.25 -8.09 3.96
C THR B 104 -4.50 -8.68 2.80
N ASP B 105 -3.27 -9.10 2.99
CA ASP B 105 -2.57 -9.79 1.91
C ASP B 105 -3.20 -11.14 1.63
N PHE B 106 -3.13 -11.64 0.40
CA PHE B 106 -3.66 -12.95 0.12
C PHE B 106 -2.58 -14.03 0.24
N ALA B 107 -1.29 -13.67 0.11
CA ALA B 107 -0.26 -14.67 0.12
C ALA B 107 0.08 -15.19 1.50
N PRO B 108 -0.07 -16.51 1.73
CA PRO B 108 0.23 -17.05 3.03
C PRO B 108 1.64 -16.84 3.52
N SER B 109 2.63 -16.94 2.65
CA SER B 109 3.99 -16.75 3.05
C SER B 109 4.14 -15.31 3.58
N VAL B 110 3.43 -14.36 2.97
CA VAL B 110 3.52 -12.96 3.41
C VAL B 110 2.87 -12.79 4.76
N ARG B 111 1.65 -13.27 4.90
CA ARG B 111 0.91 -13.16 6.12
C ARG B 111 1.61 -13.80 7.34
N ARG B 112 2.19 -15.00 7.16
CA ARG B 112 2.80 -15.68 8.25
C ARG B 112 3.99 -14.91 8.75
N ALA B 113 4.77 -14.37 7.82
CA ALA B 113 5.96 -13.58 8.16
C ALA B 113 5.58 -12.34 8.97
N ALA B 114 4.45 -11.74 8.61
CA ALA B 114 3.99 -10.55 9.26
C ALA B 114 3.45 -10.87 10.68
N ALA B 115 2.73 -11.98 10.83
CA ALA B 115 2.16 -12.44 12.09
C ALA B 115 3.26 -12.68 13.11
N LYS B 116 4.28 -13.40 12.72
CA LYS B 116 5.44 -13.54 13.59
C LYS B 116 6.04 -12.23 13.97
N GLY B 117 6.29 -11.38 12.98
CA GLY B 117 6.87 -10.11 13.22
C GLY B 117 6.09 -9.18 14.17
N LEU B 118 4.79 -9.22 14.05
CA LEU B 118 3.94 -8.35 14.85
C LEU B 118 4.19 -8.53 16.37
N GLY B 119 4.61 -9.72 16.81
CA GLY B 119 4.77 -9.91 18.26
C GLY B 119 6.14 -9.60 18.77
N ASN B 120 7.03 -9.14 17.92
CA ASN B 120 8.42 -9.04 18.25
C ASN B 120 9.10 -7.72 17.91
N LEU B 121 8.36 -6.67 17.55
CA LEU B 121 8.98 -5.41 17.28
C LEU B 121 9.49 -4.72 18.61
N HIS B 122 10.47 -3.89 18.48
CA HIS B 122 11.08 -3.26 19.65
C HIS B 122 10.26 -1.98 20.01
N TRP B 123 9.21 -2.21 20.71
CA TRP B 123 8.21 -1.22 21.03
C TRP B 123 8.73 -0.03 21.76
N HIS B 124 9.78 -0.21 22.56
CA HIS B 124 10.27 0.90 23.36
C HIS B 124 10.94 1.90 22.51
N LYS B 125 11.29 1.59 21.24
CA LYS B 125 11.87 2.59 20.38
C LYS B 125 10.93 3.70 19.94
N LEU B 126 9.65 3.54 20.19
CA LEU B 126 8.66 4.52 19.87
C LEU B 126 8.50 5.53 21.02
N GLU B 127 8.25 6.76 20.65
CA GLU B 127 8.05 7.85 21.58
C GLU B 127 6.73 7.64 22.32
N PHE B 128 6.81 7.79 23.63
CA PHE B 128 5.69 7.58 24.54
C PHE B 128 4.53 8.49 24.16
N PRO B 129 3.33 7.96 24.22
CA PRO B 129 2.91 6.61 24.62
C PRO B 129 2.69 5.62 23.43
N ASP B 130 3.19 5.92 22.24
CA ASP B 130 3.07 4.94 21.09
C ASP B 130 3.73 3.61 21.49
N ASN B 131 4.71 3.62 22.40
CA ASN B 131 5.28 2.36 22.88
C ASN B 131 4.29 1.46 23.61
N GLN B 132 3.17 2.00 24.05
CA GLN B 132 2.09 1.25 24.64
C GLN B 132 0.98 0.93 23.63
N THR B 133 0.64 1.91 22.81
CA THR B 133 -0.42 1.79 21.81
C THR B 133 0.01 0.70 20.73
N ALA B 134 1.20 0.81 20.26
CA ALA B 134 1.60 -0.03 19.18
C ALA B 134 1.40 -1.56 19.45
N PRO B 135 1.90 -2.06 20.60
CA PRO B 135 1.74 -3.49 20.86
C PRO B 135 0.32 -3.88 21.01
N LYS B 136 -0.50 -2.94 21.44
CA LYS B 136 -1.87 -3.22 21.54
C LYS B 136 -2.54 -3.32 20.17
N LYS B 137 -2.12 -2.54 19.20
CA LYS B 137 -2.67 -2.67 17.86
C LYS B 137 -2.19 -3.99 17.25
N ALA B 138 -0.96 -4.38 17.54
CA ALA B 138 -0.46 -5.66 17.05
C ALA B 138 -1.29 -6.81 17.56
N LEU B 139 -1.60 -6.75 18.85
CA LEU B 139 -2.44 -7.72 19.47
C LEU B 139 -3.77 -7.78 18.79
N GLU B 140 -4.41 -6.65 18.55
CA GLU B 140 -5.75 -6.66 17.91
C GLU B 140 -5.68 -7.39 16.58
N THR B 141 -4.62 -7.13 15.82
CA THR B 141 -4.53 -7.78 14.52
C THR B 141 -4.30 -9.25 14.67
N LEU B 142 -3.43 -9.62 15.59
CA LEU B 142 -3.17 -11.03 15.80
C LEU B 142 -4.38 -11.80 16.27
N LEU B 143 -5.19 -11.16 17.10
CA LEU B 143 -6.46 -11.78 17.52
C LEU B 143 -7.39 -11.96 16.35
N PHE B 144 -7.45 -10.94 15.51
CA PHE B 144 -8.24 -11.08 14.31
C PHE B 144 -7.79 -12.19 13.35
N ILE B 145 -6.49 -12.29 13.07
CA ILE B 145 -6.10 -13.32 12.09
C ILE B 145 -6.09 -14.74 12.67
N SER B 146 -6.14 -14.85 13.99
CA SER B 146 -6.20 -16.17 14.67
C SER B 146 -7.49 -16.92 14.38
N GLN B 147 -8.46 -16.26 13.76
CA GLN B 147 -9.67 -16.89 13.27
C GLN B 147 -9.59 -17.36 11.85
N ASP B 148 -8.50 -17.13 11.12
CA ASP B 148 -8.46 -17.49 9.74
C ASP B 148 -8.73 -18.99 9.58
N ALA B 149 -9.25 -19.36 8.44
CA ALA B 149 -9.51 -20.77 8.14
C ALA B 149 -8.26 -21.60 7.84
N GLU B 150 -7.15 -21.01 7.37
CA GLU B 150 -5.93 -21.75 7.04
C GLU B 150 -5.13 -21.98 8.34
N TRP B 151 -4.77 -23.24 8.58
CA TRP B 151 -4.10 -23.64 9.85
C TRP B 151 -2.80 -22.90 10.00
N SER B 152 -2.05 -22.72 8.92
CA SER B 152 -0.73 -22.13 9.05
C SER B 152 -0.78 -20.62 9.45
N ILE B 153 -1.88 -19.92 9.11
CA ILE B 153 -2.08 -18.56 9.54
C ILE B 153 -2.34 -18.56 11.01
N ARG B 154 -3.22 -19.45 11.47
CA ARG B 154 -3.48 -19.55 12.92
C ARG B 154 -2.23 -19.93 13.69
N TYR B 155 -1.40 -20.81 13.14
CA TYR B 155 -0.16 -21.16 13.82
C TYR B 155 0.73 -19.95 13.99
N ALA B 156 0.93 -19.19 12.89
CA ALA B 156 1.76 -18.02 12.95
C ALA B 156 1.19 -17.00 13.92
N ALA B 157 -0.13 -16.85 13.95
CA ALA B 157 -0.78 -15.95 14.88
C ALA B 157 -0.48 -16.24 16.35
N ILE B 158 -0.46 -17.50 16.70
CA ILE B 158 -0.06 -17.96 18.06
C ILE B 158 1.36 -17.58 18.32
N VAL B 159 2.25 -17.76 17.37
CA VAL B 159 3.62 -17.40 17.59
C VAL B 159 3.77 -15.90 17.84
N GLY B 160 3.02 -15.10 17.08
CA GLY B 160 3.04 -13.66 17.28
C GLY B 160 2.54 -13.33 18.68
N LEU B 161 1.44 -13.92 19.06
CA LEU B 161 0.83 -13.71 20.36
C LEU B 161 1.76 -14.05 21.48
N GLN B 162 2.52 -15.11 21.35
CA GLN B 162 3.46 -15.46 22.39
C GLN B 162 4.51 -14.44 22.54
N GLY B 163 4.92 -13.85 21.43
CA GLY B 163 5.88 -12.77 21.51
C GLY B 163 5.45 -11.58 22.30
N LEU B 164 4.16 -11.38 22.48
CA LEU B 164 3.70 -10.28 23.26
C LEU B 164 3.63 -10.55 24.82
N VAL B 165 4.21 -11.66 25.28
CA VAL B 165 4.31 -11.99 26.74
C VAL B 165 5.08 -10.98 27.59
N ASN B 166 6.12 -10.36 27.03
CA ASN B 166 6.81 -9.27 27.70
C ASN B 166 5.96 -8.02 28.04
N ILE B 167 4.66 -8.00 27.72
CA ILE B 167 3.83 -6.80 27.95
C ILE B 167 2.63 -7.09 28.86
N PRO B 168 2.66 -6.56 30.10
CA PRO B 168 1.70 -6.95 31.16
C PRO B 168 0.26 -6.68 30.85
N ASP B 169 -0.02 -5.50 30.29
CA ASP B 169 -1.43 -5.18 29.92
C ASP B 169 -2.11 -6.12 28.91
N LEU B 170 -1.34 -6.91 28.17
CA LEU B 170 -1.87 -7.66 27.07
C LEU B 170 -2.11 -9.15 27.41
N GLN B 171 -1.80 -9.56 28.63
CA GLN B 171 -1.75 -10.99 28.90
C GLN B 171 -3.11 -11.61 29.07
N GLN B 172 -4.07 -10.83 29.50
CA GLN B 172 -5.36 -11.38 29.75
C GLN B 172 -5.98 -11.79 28.44
N PRO B 173 -6.01 -10.86 27.44
CA PRO B 173 -6.72 -11.25 26.23
C PRO B 173 -6.03 -12.40 25.50
N ILE B 174 -4.71 -12.53 25.67
CA ILE B 174 -3.90 -13.57 25.01
C ILE B 174 -4.25 -14.93 25.63
N HIS B 175 -4.03 -15.08 26.95
CA HIS B 175 -4.59 -16.25 27.74
C HIS B 175 -5.96 -16.64 27.34
N THR B 176 -6.83 -15.67 27.28
CA THR B 176 -8.20 -15.91 27.00
C THR B 176 -8.36 -16.45 25.62
N ARG B 177 -7.57 -15.90 24.68
CA ARG B 177 -7.78 -16.28 23.32
C ARG B 177 -7.25 -17.69 23.13
N LEU B 178 -6.11 -17.92 23.71
CA LEU B 178 -5.46 -19.16 23.62
C LEU B 178 -6.31 -20.32 24.17
N LYS B 179 -6.98 -20.12 25.33
CA LYS B 179 -7.91 -21.13 25.83
C LYS B 179 -9.04 -21.38 24.85
N GLU B 180 -9.65 -20.33 24.29
CA GLU B 180 -10.74 -20.53 23.35
C GLU B 180 -10.23 -21.32 22.14
N MET B 181 -8.98 -21.12 21.74
CA MET B 181 -8.47 -21.81 20.54
C MET B 181 -8.12 -23.28 20.82
N LEU B 182 -7.46 -23.51 21.94
CA LEU B 182 -7.26 -24.89 22.45
C LEU B 182 -8.55 -25.69 22.55
N ALA B 183 -9.65 -25.06 22.94
CA ALA B 183 -10.96 -25.69 22.93
C ALA B 183 -11.45 -25.91 21.52
N SER B 184 -11.34 -24.95 20.64
CA SER B 184 -12.11 -25.08 19.38
C SER B 184 -11.35 -25.59 18.16
N ASP B 185 -10.03 -25.71 18.24
CA ASP B 185 -9.31 -25.86 17.00
C ASP B 185 -9.38 -27.30 16.46
N ALA B 186 -9.78 -27.38 15.20
CA ALA B 186 -9.74 -28.59 14.44
C ALA B 186 -8.36 -29.24 14.38
N GLU B 187 -7.26 -28.46 14.43
CA GLU B 187 -5.96 -28.93 14.04
C GLU B 187 -5.11 -29.27 15.23
N LYS B 188 -4.59 -30.49 15.23
CA LYS B 188 -3.74 -30.95 16.31
C LYS B 188 -2.46 -30.14 16.35
N ALA B 189 -1.97 -29.76 15.18
CA ALA B 189 -0.78 -28.91 15.13
C ALA B 189 -0.92 -27.58 15.83
N VAL B 190 -2.08 -26.98 15.69
CA VAL B 190 -2.33 -25.68 16.23
C VAL B 190 -2.54 -25.78 17.77
N ARG B 191 -3.31 -26.78 18.18
CA ARG B 191 -3.48 -27.10 19.60
C ARG B 191 -2.14 -27.31 20.25
N ALA B 192 -1.28 -28.05 19.59
CA ALA B 192 0.06 -28.26 20.15
C ALA B 192 0.85 -27.00 20.31
N ARG B 193 0.68 -26.11 19.35
CA ARG B 193 1.48 -24.91 19.41
C ARG B 193 0.90 -24.02 20.49
N ILE B 194 -0.41 -24.09 20.67
CA ILE B 194 -1.02 -23.36 21.79
C ILE B 194 -0.41 -23.83 23.14
N LEU B 195 -0.45 -25.14 23.35
CA LEU B 195 0.22 -25.77 24.52
C LEU B 195 1.63 -25.33 24.73
N LEU B 196 2.45 -25.29 23.68
CA LEU B 196 3.78 -24.79 23.83
C LEU B 196 3.76 -23.32 24.24
N ALA B 197 2.84 -22.53 23.70
CA ALA B 197 2.79 -21.10 24.06
C ALA B 197 2.37 -20.99 25.55
N GLN B 198 1.27 -21.65 25.95
CA GLN B 198 0.84 -21.65 27.37
C GLN B 198 1.95 -21.94 28.36
N SER B 199 2.83 -22.86 28.06
CA SER B 199 4.09 -22.88 28.78
C SER B 199 4.88 -21.62 28.46
#